data_2YH6
#
_entry.id   2YH6
#
_cell.length_a   46.577
_cell.length_b   46.631
_cell.length_c   60.208
_cell.angle_alpha   102.70
_cell.angle_beta   92.86
_cell.angle_gamma   118.20
#
_symmetry.space_group_name_H-M   'P 1'
#
loop_
_entity.id
_entity.type
_entity.pdbx_description
1 polymer 'LIPOPROTEIN 34'
2 non-polymer 'SULFATE ION'
3 water water
#
_entity_poly.entity_id   1
_entity_poly.type   'polypeptide(L)'
_entity_poly.pdbx_seq_one_letter_code
;GDTASLLVENGRGNTLWPQVVSVLQAKNYTITQRDDAGQTLTTDWVQWNRLDEDEQYRGRYQISVKPQGYQQAVTVKLLN
LEQAGKPVADAASMQRYSTEMMNVISAGLDKS
;
_entity_poly.pdbx_strand_id   A,B,C,D
#
loop_
_chem_comp.id
_chem_comp.type
_chem_comp.name
_chem_comp.formula
SO4 non-polymer 'SULFATE ION' 'O4 S -2'
#
# COMPACT_ATOMS: atom_id res chain seq x y z
N GLY A 1 -9.03 1.14 -9.61
CA GLY A 1 -9.92 1.24 -8.20
C GLY A 1 -9.69 1.41 -6.68
N ASP A 2 -9.90 0.44 -5.84
CA ASP A 2 -9.29 0.37 -4.47
C ASP A 2 -9.45 1.33 -3.24
N THR A 3 -8.68 2.41 -3.03
CA THR A 3 -8.91 3.32 -1.92
C THR A 3 -9.34 4.70 -2.46
N ALA A 4 -10.30 5.32 -1.82
CA ALA A 4 -10.62 6.76 -1.98
C ALA A 4 -10.48 7.46 -0.62
N SER A 5 -9.92 8.65 -0.57
CA SER A 5 -9.83 9.41 0.66
C SER A 5 -10.41 10.83 0.45
N LEU A 6 -10.81 11.44 1.54
CA LEU A 6 -11.35 12.83 1.55
C LEU A 6 -10.87 13.48 2.82
N LEU A 7 -10.22 14.62 2.69
CA LEU A 7 -9.90 15.48 3.82
C LEU A 7 -11.07 16.32 4.30
N VAL A 8 -11.37 16.28 5.60
CA VAL A 8 -12.47 17.09 6.14
C VAL A 8 -11.86 18.07 7.14
N GLU A 9 -12.13 19.34 6.91
CA GLU A 9 -11.58 20.37 7.77
C GLU A 9 -12.51 20.74 8.94
N ASN A 10 -12.80 19.80 9.82
CA ASN A 10 -13.54 20.13 11.06
C ASN A 10 -12.62 20.39 12.25
N ASN A 14 -14.53 17.96 16.84
CA ASN A 14 -13.61 17.05 16.15
C ASN A 14 -14.32 15.83 15.57
N THR A 15 -14.80 14.97 16.47
CA THR A 15 -15.39 13.65 16.23
C THR A 15 -16.07 13.35 14.88
N LEU A 16 -15.24 13.24 13.86
CA LEU A 16 -15.74 12.88 12.54
C LEU A 16 -16.11 11.42 12.55
N TRP A 17 -15.41 10.62 13.33
CA TRP A 17 -15.77 9.15 13.29
C TRP A 17 -17.22 8.84 13.66
N PRO A 18 -17.72 9.36 14.78
CA PRO A 18 -19.12 9.06 15.11
C PRO A 18 -20.08 9.58 14.07
N GLN A 19 -19.72 10.66 13.38
CA GLN A 19 -20.56 11.18 12.30
C GLN A 19 -20.60 10.17 11.12
N VAL A 20 -19.42 9.67 10.72
CA VAL A 20 -19.41 8.72 9.61
C VAL A 20 -20.21 7.45 9.96
N VAL A 21 -20.06 6.93 11.20
CA VAL A 21 -20.77 5.76 11.59
C VAL A 21 -22.31 6.06 11.52
N SER A 22 -22.73 7.23 12.01
CA SER A 22 -24.13 7.62 11.98
C SER A 22 -24.69 7.70 10.56
N VAL A 23 -23.91 8.22 9.63
CA VAL A 23 -24.37 8.19 8.23
C VAL A 23 -24.60 6.75 7.73
N LEU A 24 -23.71 5.83 8.08
CA LEU A 24 -23.88 4.46 7.57
C LEU A 24 -25.09 3.83 8.24
N GLN A 25 -25.31 4.16 9.50
CA GLN A 25 -26.43 3.55 10.27
C GLN A 25 -27.73 4.11 9.67
N ALA A 26 -27.68 5.37 9.24
CA ALA A 26 -28.89 5.99 8.54
C ALA A 26 -29.24 5.34 7.21
N LYS A 27 -28.25 4.87 6.46
CA LYS A 27 -28.45 4.15 5.23
C LYS A 27 -28.89 2.70 5.46
N ASN A 28 -28.98 2.31 6.72
CA ASN A 28 -29.24 0.94 7.09
C ASN A 28 -28.24 -0.03 6.44
N TYR A 29 -26.96 0.30 6.45
CA TYR A 29 -25.94 -0.62 5.94
C TYR A 29 -25.55 -1.48 7.13
N THR A 30 -25.37 -2.75 6.92
CA THR A 30 -24.89 -3.62 8.02
C THR A 30 -23.41 -3.51 8.28
N ILE A 31 -23.07 -3.24 9.52
CA ILE A 31 -21.60 -3.12 9.84
C ILE A 31 -21.15 -4.40 10.46
N THR A 32 -20.34 -5.17 9.73
CA THR A 32 -19.91 -6.50 10.12
C THR A 32 -18.79 -6.58 11.11
N GLN A 33 -17.88 -5.61 11.02
CA GLN A 33 -16.73 -5.48 11.92
C GLN A 33 -16.61 -4.00 12.27
N ARG A 34 -16.28 -3.68 13.53
CA ARG A 34 -16.11 -2.29 13.89
C ARG A 34 -15.19 -2.24 15.05
N ASP A 35 -14.19 -1.31 14.96
CA ASP A 35 -13.24 -1.06 16.00
C ASP A 35 -13.10 0.39 16.19
N ASP A 36 -13.82 0.93 17.18
CA ASP A 36 -13.84 2.38 17.34
C ASP A 36 -12.49 2.91 17.80
N ALA A 37 -11.71 2.09 18.50
CA ALA A 37 -10.39 2.59 19.02
C ALA A 37 -9.48 2.88 17.82
N GLY A 38 -9.62 2.07 16.77
CA GLY A 38 -8.91 2.28 15.52
C GLY A 38 -9.66 3.03 14.44
N GLN A 39 -10.85 3.54 14.80
CA GLN A 39 -11.78 4.29 13.91
C GLN A 39 -11.87 3.62 12.57
N THR A 40 -12.19 2.31 12.58
CA THR A 40 -12.36 1.58 11.34
C THR A 40 -13.50 0.60 11.44
N LEU A 41 -14.12 0.32 10.29
CA LEU A 41 -15.17 -0.69 10.26
C LEU A 41 -15.22 -1.34 8.89
N THR A 42 -15.95 -2.47 8.80
CA THR A 42 -16.11 -3.21 7.54
C THR A 42 -17.60 -3.33 7.35
N THR A 43 -18.06 -3.16 6.13
CA THR A 43 -19.48 -3.24 5.85
C THR A 43 -19.82 -4.62 5.27
N ASP A 44 -21.11 -4.97 5.37
CA ASP A 44 -21.61 -6.06 4.55
C ASP A 44 -21.72 -5.63 3.06
N TRP A 45 -22.20 -6.53 2.19
CA TRP A 45 -22.38 -6.09 0.78
C TRP A 45 -23.37 -4.90 0.73
N VAL A 46 -23.00 -3.91 -0.08
CA VAL A 46 -23.88 -2.79 -0.35
C VAL A 46 -24.22 -2.86 -1.86
N GLN A 47 -25.50 -2.99 -2.17
CA GLN A 47 -25.89 -3.09 -3.58
C GLN A 47 -26.08 -1.67 -4.14
N TRP A 48 -25.60 -1.46 -5.33
CA TRP A 48 -25.74 -0.18 -6.04
C TRP A 48 -26.86 -0.31 -7.08
N ASN A 49 -27.96 0.39 -6.85
CA ASN A 49 -29.19 0.13 -7.67
C ASN A 49 -28.98 0.69 -9.04
N ARG A 50 -29.46 -0.05 -10.07
CA ARG A 50 -29.36 0.47 -11.42
C ARG A 50 -30.54 -0.11 -12.17
N LEU A 51 -30.81 0.50 -13.32
CA LEU A 51 -31.95 0.12 -14.06
C LEU A 51 -31.75 -1.31 -14.59
N ASP A 52 -30.57 -1.60 -15.16
CA ASP A 52 -30.34 -2.97 -15.68
C ASP A 52 -29.87 -3.94 -14.56
N GLU A 53 -30.78 -4.75 -14.01
CA GLU A 53 -30.46 -5.69 -12.87
C GLU A 53 -29.34 -6.66 -13.16
N ASP A 54 -29.32 -7.25 -14.37
CA ASP A 54 -28.21 -8.16 -14.72
CA ASP A 54 -28.22 -8.17 -14.71
C ASP A 54 -26.82 -7.52 -14.76
N GLU A 55 -26.76 -6.19 -14.63
CA GLU A 55 -25.45 -5.51 -14.54
C GLU A 55 -25.16 -4.84 -13.20
N GLN A 56 -25.96 -5.13 -12.17
CA GLN A 56 -25.88 -4.38 -10.88
C GLN A 56 -24.70 -4.83 -10.11
N TYR A 57 -24.06 -3.90 -9.45
CA TYR A 57 -22.89 -4.22 -8.69
C TYR A 57 -23.21 -4.22 -7.20
N ARG A 58 -22.39 -4.95 -6.44
CA ARG A 58 -22.42 -4.76 -4.96
C ARG A 58 -21.00 -4.87 -4.49
N GLY A 59 -20.75 -4.14 -3.43
CA GLY A 59 -19.40 -4.06 -2.93
C GLY A 59 -19.32 -4.16 -1.42
N ARG A 60 -18.15 -4.58 -0.91
CA ARG A 60 -17.92 -4.63 0.51
C ARG A 60 -16.74 -3.73 0.81
N TYR A 61 -16.81 -3.01 1.91
CA TYR A 61 -15.91 -1.81 2.15
C TYR A 61 -15.30 -1.79 3.51
N GLN A 62 -14.05 -1.33 3.61
CA GLN A 62 -13.43 -1.00 4.88
C GLN A 62 -13.48 0.58 4.95
N ILE A 63 -13.98 1.15 6.03
CA ILE A 63 -14.22 2.63 6.05
C ILE A 63 -13.50 3.08 7.30
N SER A 64 -12.72 4.12 7.23
CA SER A 64 -11.93 4.54 8.41
C SER A 64 -11.79 6.03 8.45
N VAL A 65 -11.45 6.58 9.60
CA VAL A 65 -11.12 8.02 9.71
C VAL A 65 -9.81 8.12 10.48
N LYS A 66 -8.90 9.02 10.04
CA LYS A 66 -7.61 9.22 10.73
C LYS A 66 -7.35 10.72 10.81
N PRO A 67 -6.66 11.16 11.87
CA PRO A 67 -6.14 12.52 11.81
C PRO A 67 -5.09 12.64 10.70
N GLN A 68 -5.11 13.76 9.99
CA GLN A 68 -4.04 14.00 9.03
C GLN A 68 -3.72 15.47 9.08
N GLY A 69 -2.48 15.83 9.24
CA GLY A 69 -2.31 17.26 9.63
C GLY A 69 -2.80 17.25 11.07
N TYR A 70 -3.43 18.27 11.67
CA TYR A 70 -4.38 19.31 11.23
C TYR A 70 -5.75 18.74 11.22
N GLN A 71 -6.06 17.99 10.17
CA GLN A 71 -7.46 17.78 9.79
C GLN A 71 -7.72 16.31 9.97
N GLN A 72 -8.81 15.86 9.34
CA GLN A 72 -9.29 14.47 9.45
C GLN A 72 -9.48 13.90 8.08
N ALA A 73 -9.02 12.68 7.81
CA ALA A 73 -9.25 12.05 6.54
C ALA A 73 -10.22 10.90 6.69
N VAL A 74 -11.20 10.80 5.82
CA VAL A 74 -12.06 9.65 5.69
C VAL A 74 -11.54 8.83 4.54
N THR A 75 -11.33 7.53 4.79
CA THR A 75 -10.90 6.62 3.76
CA THR A 75 -10.88 6.63 3.75
C THR A 75 -11.89 5.50 3.51
N VAL A 76 -12.10 5.18 2.25
CA VAL A 76 -12.99 4.12 1.84
C VAL A 76 -12.14 3.12 1.05
N LYS A 77 -12.07 1.87 1.46
CA LYS A 77 -11.39 0.85 0.68
C LYS A 77 -12.40 -0.16 0.19
N LEU A 78 -12.47 -0.34 -1.11
CA LEU A 78 -13.36 -1.35 -1.71
C LEU A 78 -12.54 -2.71 -1.62
N LEU A 79 -13.07 -3.63 -0.84
CA LEU A 79 -12.41 -4.90 -0.57
C LEU A 79 -12.77 -5.89 -1.62
N ASN A 80 -14.07 -5.95 -2.02
CA ASN A 80 -14.48 -6.97 -3.00
C ASN A 80 -15.64 -6.35 -3.73
N LEU A 81 -15.73 -6.69 -5.01
CA LEU A 81 -16.78 -6.16 -5.90
C LEU A 81 -17.39 -7.30 -6.71
N GLU A 82 -18.72 -7.29 -6.88
CA GLU A 82 -19.39 -8.29 -7.69
C GLU A 82 -20.37 -7.66 -8.62
N GLN A 83 -20.58 -8.29 -9.78
CA GLN A 83 -21.56 -7.77 -10.74
C GLN A 83 -22.50 -8.89 -11.02
N ALA A 84 -23.77 -8.60 -10.80
CA ALA A 84 -24.85 -9.56 -10.85
C ALA A 84 -24.37 -10.87 -10.25
N GLY A 85 -23.67 -10.79 -9.11
CA GLY A 85 -23.27 -12.00 -8.42
C GLY A 85 -21.91 -12.61 -8.71
N LYS A 86 -21.24 -12.16 -9.79
CA LYS A 86 -19.90 -12.64 -10.18
C LYS A 86 -18.79 -11.64 -9.72
N PRO A 87 -17.71 -12.12 -9.12
CA PRO A 87 -16.63 -11.19 -8.65
C PRO A 87 -15.93 -10.50 -9.87
N VAL A 88 -15.57 -9.24 -9.74
CA VAL A 88 -14.99 -8.55 -10.85
C VAL A 88 -13.87 -7.73 -10.30
N ALA A 89 -12.90 -7.44 -11.16
CA ALA A 89 -11.67 -6.78 -10.70
C ALA A 89 -11.13 -5.74 -11.71
N ASP A 90 -11.99 -5.29 -12.64
CA ASP A 90 -11.58 -4.38 -13.71
C ASP A 90 -11.34 -2.99 -13.06
N ALA A 91 -10.26 -2.31 -13.52
CA ALA A 91 -9.87 -1.04 -12.83
C ALA A 91 -10.96 0.01 -12.86
N ALA A 92 -11.63 0.12 -14.01
CA ALA A 92 -12.70 1.08 -14.19
C ALA A 92 -13.80 0.92 -13.22
N SER A 93 -14.29 -0.32 -13.03
CA SER A 93 -15.39 -0.52 -12.09
C SER A 93 -14.89 -0.36 -10.66
N MET A 94 -13.67 -0.79 -10.38
CA MET A 94 -13.22 -0.72 -8.99
C MET A 94 -13.18 0.73 -8.54
N GLN A 95 -12.61 1.63 -9.39
CA GLN A 95 -12.54 3.05 -8.93
C GLN A 95 -13.92 3.71 -8.77
N ARG A 96 -14.83 3.37 -9.65
CA ARG A 96 -16.14 3.95 -9.64
C ARG A 96 -16.86 3.52 -8.37
N TYR A 97 -16.75 2.23 -8.01
CA TYR A 97 -17.49 1.77 -6.83
C TYR A 97 -16.87 2.13 -5.52
N SER A 98 -15.58 2.51 -5.56
CA SER A 98 -14.99 3.12 -4.39
C SER A 98 -15.61 4.51 -4.21
N THR A 99 -15.61 5.28 -5.31
CA THR A 99 -16.18 6.59 -5.27
C THR A 99 -17.72 6.61 -4.90
N GLU A 100 -18.49 5.60 -5.33
CA GLU A 100 -19.89 5.57 -4.99
C GLU A 100 -20.06 5.54 -3.45
N MET A 101 -19.16 4.80 -2.72
CA MET A 101 -19.35 4.75 -1.26
C MET A 101 -18.82 6.05 -0.61
N MET A 102 -17.75 6.63 -1.17
CA MET A 102 -17.37 7.94 -0.68
C MET A 102 -18.45 8.99 -0.83
N ASN A 103 -19.12 8.94 -2.00
CA ASN A 103 -20.22 9.91 -2.22
C ASN A 103 -21.41 9.81 -1.21
N VAL A 104 -21.74 8.56 -0.86
CA VAL A 104 -22.77 8.30 0.18
C VAL A 104 -22.37 8.95 1.50
N ILE A 105 -21.05 8.72 1.85
CA ILE A 105 -20.57 9.31 3.08
C ILE A 105 -20.58 10.83 3.06
N SER A 106 -20.07 11.38 1.93
CA SER A 106 -20.00 12.79 1.80
C SER A 106 -21.37 13.42 1.86
N ALA A 107 -22.33 12.80 1.16
CA ALA A 107 -23.64 13.39 1.14
C ALA A 107 -24.25 13.41 2.58
N GLY A 108 -24.02 12.32 3.32
CA GLY A 108 -24.56 12.22 4.67
C GLY A 108 -23.86 13.18 5.64
N LEU A 109 -22.58 13.52 5.39
CA LEU A 109 -21.91 14.55 6.22
C LEU A 109 -22.28 15.98 5.85
N ASP A 110 -23.03 16.18 4.79
CA ASP A 110 -23.28 17.54 4.34
C ASP A 110 -24.50 18.01 5.07
N LYS A 111 -25.65 17.42 4.74
CA LYS A 111 -26.76 17.33 5.68
C LYS A 111 -26.38 16.38 6.83
N GLY B 1 -12.97 19.86 4.33
CA GLY B 1 -13.29 19.67 2.89
C GLY B 1 -12.34 19.89 1.81
N ASP B 2 -11.11 19.58 1.79
CA ASP B 2 -10.26 20.31 0.88
C ASP B 2 -9.58 19.48 -0.21
N THR B 3 -9.14 18.26 0.10
CA THR B 3 -8.61 17.39 -0.96
C THR B 3 -9.31 16.04 -0.98
N ALA B 4 -9.62 15.54 -2.14
CA ALA B 4 -10.14 14.18 -2.31
C ALA B 4 -9.13 13.43 -3.15
N SER B 5 -8.94 12.14 -2.95
CA SER B 5 -8.00 11.38 -3.72
C SER B 5 -8.56 10.04 -4.03
N LEU B 6 -8.18 9.46 -5.15
CA LEU B 6 -8.73 8.15 -5.54
C LEU B 6 -7.66 7.30 -6.20
N LEU B 7 -7.42 6.08 -5.73
CA LEU B 7 -6.50 5.12 -6.38
C LEU B 7 -7.09 4.52 -7.62
N VAL B 8 -6.38 4.64 -8.74
CA VAL B 8 -6.82 3.92 -9.93
C VAL B 8 -5.82 2.84 -10.29
N GLU B 9 -6.27 1.58 -10.22
CA GLU B 9 -5.42 0.44 -10.52
C GLU B 9 -5.30 0.08 -12.01
N ASN B 10 -4.84 1.01 -12.83
CA ASN B 10 -4.57 0.74 -14.24
C ASN B 10 -3.12 0.36 -14.49
N GLY B 11 -2.91 -0.60 -15.37
CA GLY B 11 -1.56 -1.10 -15.62
C GLY B 11 -1.00 -0.78 -16.99
N ASN B 14 -1.16 2.65 -18.95
CA ASN B 14 -0.78 3.52 -17.85
C ASN B 14 -1.56 4.84 -17.88
N THR B 15 -1.25 5.68 -18.86
CA THR B 15 -1.72 7.08 -19.05
C THR B 15 -3.12 7.49 -18.54
N LEU B 16 -3.19 7.53 -17.22
CA LEU B 16 -4.36 7.99 -16.56
C LEU B 16 -4.50 9.50 -16.75
N TRP B 17 -3.37 10.23 -16.73
CA TRP B 17 -3.45 11.68 -16.91
C TRP B 17 -4.25 12.14 -18.18
N PRO B 18 -3.92 11.61 -19.37
CA PRO B 18 -4.71 12.02 -20.55
C PRO B 18 -6.16 11.63 -20.45
N GLN B 19 -6.43 10.52 -19.78
CA GLN B 19 -7.83 10.12 -19.59
C GLN B 19 -8.55 11.10 -18.70
N VAL B 20 -7.94 11.52 -17.62
CA VAL B 20 -8.58 12.53 -16.78
C VAL B 20 -8.81 13.82 -17.56
N VAL B 21 -7.79 14.28 -18.25
CA VAL B 21 -7.97 15.52 -19.04
C VAL B 21 -9.19 15.41 -20.04
N SER B 22 -9.27 14.26 -20.73
CA SER B 22 -10.37 13.95 -21.69
C SER B 22 -11.73 13.99 -21.04
N VAL B 23 -11.83 13.52 -19.79
CA VAL B 23 -13.14 13.58 -19.09
C VAL B 23 -13.53 15.07 -18.88
N LEU B 24 -12.56 15.90 -18.49
CA LEU B 24 -12.89 17.31 -18.27
C LEU B 24 -13.23 18.03 -19.55
N GLN B 25 -12.52 17.68 -20.65
CA GLN B 25 -12.86 18.29 -21.94
C GLN B 25 -14.23 17.87 -22.41
N ALA B 26 -14.60 16.62 -22.12
CA ALA B 26 -15.99 16.14 -22.55
C ALA B 26 -17.05 16.89 -21.77
N LYS B 27 -16.75 17.34 -20.55
CA LYS B 27 -17.75 18.09 -19.71
C LYS B 27 -17.78 19.56 -20.08
N ASN B 28 -16.89 19.96 -21.02
CA ASN B 28 -16.69 21.32 -21.40
C ASN B 28 -16.29 22.22 -20.21
N TYR B 29 -15.42 21.72 -19.30
CA TYR B 29 -14.95 22.63 -18.27
C TYR B 29 -13.80 23.42 -18.86
N THR B 30 -13.73 24.71 -18.53
CA THR B 30 -12.61 25.52 -18.96
C THR B 30 -11.40 25.25 -18.05
N ILE B 31 -10.27 24.93 -18.69
CA ILE B 31 -9.00 24.62 -17.99
C ILE B 31 -8.12 25.93 -18.13
N THR B 32 -7.96 26.61 -17.02
CA THR B 32 -7.22 27.85 -16.98
C THR B 32 -5.71 27.72 -16.91
N GLN B 33 -5.25 26.70 -16.23
CA GLN B 33 -3.81 26.33 -16.15
C GLN B 33 -3.69 24.81 -16.38
N ARG B 34 -2.74 24.42 -17.20
CA ARG B 34 -2.45 23.04 -17.41
C ARG B 34 -0.95 22.80 -17.64
N ASP B 35 -0.41 21.76 -17.00
CA ASP B 35 1.01 21.46 -17.12
C ASP B 35 1.06 19.92 -17.20
N ASP B 36 1.04 19.36 -18.41
CA ASP B 36 1.05 17.95 -18.52
C ASP B 36 2.36 17.29 -18.04
N ALA B 37 3.52 17.97 -18.01
CA ALA B 37 4.76 17.40 -17.55
C ALA B 37 4.57 17.09 -16.07
N GLY B 38 3.79 17.92 -15.39
CA GLY B 38 3.58 17.80 -13.95
C GLY B 38 2.29 17.10 -13.62
N GLN B 39 1.58 16.75 -14.67
CA GLN B 39 0.29 16.09 -14.52
C GLN B 39 -0.61 16.85 -13.56
N THR B 40 -0.83 18.14 -13.83
CA THR B 40 -1.64 18.94 -12.95
C THR B 40 -2.34 20.04 -13.84
N LEU B 41 -3.49 20.45 -13.35
CA LEU B 41 -4.29 21.52 -14.04
C LEU B 41 -5.18 22.26 -13.03
N THR B 42 -5.61 23.44 -13.42
CA THR B 42 -6.57 24.21 -12.59
C THR B 42 -7.77 24.48 -13.47
N THR B 43 -8.97 24.35 -12.92
CA THR B 43 -10.18 24.70 -13.60
C THR B 43 -10.59 26.17 -13.39
N ASP B 44 -11.37 26.67 -14.34
CA ASP B 44 -12.22 27.85 -14.09
C ASP B 44 -13.36 27.48 -13.14
N TRP B 45 -14.19 28.46 -12.74
CA TRP B 45 -15.36 28.10 -11.95
C TRP B 45 -16.19 27.01 -12.64
N VAL B 46 -16.55 25.98 -11.86
CA VAL B 46 -17.52 24.95 -12.25
C VAL B 46 -18.80 25.16 -11.44
N GLN B 47 -19.97 25.25 -12.07
CA GLN B 47 -21.17 25.51 -11.34
C GLN B 47 -21.86 24.20 -11.01
N TRP B 48 -22.30 24.07 -9.78
CA TRP B 48 -23.05 22.93 -9.35
C TRP B 48 -24.55 23.26 -9.33
N ASN B 49 -25.12 22.96 -10.50
CA ASN B 49 -26.54 23.09 -10.84
C ASN B 49 -27.48 22.39 -9.87
N ARG B 50 -28.46 23.17 -9.37
CA ARG B 50 -29.25 22.76 -8.21
C ARG B 50 -30.53 23.54 -8.11
N LEU B 51 -31.63 22.84 -7.71
CA LEU B 51 -32.95 23.40 -7.66
C LEU B 51 -32.86 24.83 -7.12
N GLU B 55 -29.20 28.98 -3.38
CA GLU B 55 -28.15 28.22 -2.73
C GLU B 55 -27.32 27.36 -3.73
N GLN B 56 -27.28 27.74 -5.00
CA GLN B 56 -26.33 27.19 -5.98
C GLN B 56 -24.84 27.44 -5.68
N TYR B 57 -24.00 26.41 -5.82
CA TYR B 57 -22.57 26.51 -5.55
C TYR B 57 -21.70 26.49 -6.82
N ARG B 58 -20.56 27.15 -6.73
CA ARG B 58 -19.52 27.05 -7.77
CA ARG B 58 -19.51 27.08 -7.77
C ARG B 58 -18.14 26.97 -7.17
N GLY B 59 -17.31 26.20 -7.83
CA GLY B 59 -16.00 25.91 -7.27
C GLY B 59 -14.86 25.99 -8.27
N ARG B 60 -13.63 26.24 -7.82
CA ARG B 60 -12.46 26.06 -8.65
C ARG B 60 -11.56 25.03 -8.03
N TYR B 61 -10.88 24.26 -8.89
CA TYR B 61 -10.15 23.05 -8.48
C TYR B 61 -8.84 22.90 -9.09
N GLN B 62 -7.92 22.34 -8.32
CA GLN B 62 -6.62 21.84 -8.87
C GLN B 62 -6.75 20.33 -8.97
N ILE B 63 -6.53 19.78 -10.13
CA ILE B 63 -6.67 18.34 -10.38
C ILE B 63 -5.34 17.81 -10.83
N SER B 64 -4.91 16.69 -10.27
CA SER B 64 -3.66 16.09 -10.64
C SER B 64 -3.66 14.56 -10.64
N VAL B 65 -2.60 13.97 -11.18
CA VAL B 65 -2.38 12.53 -11.16
C VAL B 65 -0.98 12.29 -10.81
N LYS B 66 -0.76 11.67 -9.65
CA LYS B 66 0.64 11.60 -9.22
C LYS B 66 0.75 10.36 -8.50
N PRO B 67 1.44 9.38 -9.16
CA PRO B 67 1.48 7.96 -8.82
C PRO B 67 1.98 7.78 -7.46
N GLN B 68 1.17 7.12 -6.64
CA GLN B 68 1.52 6.62 -5.32
C GLN B 68 1.55 5.35 -6.08
N GLY B 69 1.84 4.21 -5.51
CA GLY B 69 1.60 3.06 -6.39
C GLY B 69 2.87 2.31 -6.18
N TYR B 70 3.17 1.22 -6.89
CA TYR B 70 2.59 0.64 -8.13
C TYR B 70 1.52 1.30 -8.97
N GLN B 71 0.52 1.90 -8.32
CA GLN B 71 -0.64 2.44 -9.03
C GLN B 71 -0.57 3.95 -9.12
N GLN B 72 -1.67 4.54 -9.52
CA GLN B 72 -1.71 5.99 -9.67
C GLN B 72 -2.83 6.56 -8.83
N ALA B 73 -2.69 7.80 -8.39
CA ALA B 73 -3.80 8.47 -7.68
C ALA B 73 -4.25 9.70 -8.38
N VAL B 74 -5.54 9.86 -8.47
CA VAL B 74 -6.08 11.18 -8.92
C VAL B 74 -6.36 12.01 -7.71
N THR B 75 -6.01 13.29 -7.71
CA THR B 75 -6.27 14.16 -6.58
C THR B 75 -7.05 15.35 -7.03
N VAL B 76 -8.01 15.79 -6.27
CA VAL B 76 -8.83 17.00 -6.53
C VAL B 76 -8.69 17.87 -5.32
N LYS B 77 -8.25 19.14 -5.48
CA LYS B 77 -8.17 20.08 -4.37
C LYS B 77 -9.11 21.25 -4.60
N LEU B 78 -9.93 21.60 -3.62
CA LEU B 78 -10.89 22.70 -3.76
C LEU B 78 -10.17 23.98 -3.38
N LEU B 79 -10.03 24.86 -4.37
CA LEU B 79 -9.27 26.13 -4.22
C LEU B 79 -10.20 27.22 -3.71
N ASN B 80 -11.43 27.24 -4.24
CA ASN B 80 -12.39 28.26 -3.88
C ASN B 80 -13.77 27.71 -4.02
N LEU B 81 -14.67 28.14 -3.16
CA LEU B 81 -16.05 27.75 -3.25
C LEU B 81 -16.97 29.01 -2.99
N GLU B 82 -18.00 29.22 -3.79
CA GLU B 82 -18.96 30.30 -3.51
C GLU B 82 -20.37 29.74 -3.46
N GLN B 83 -21.27 30.33 -2.66
CA GLN B 83 -22.71 29.93 -2.67
C GLN B 83 -23.59 31.11 -3.14
N ALA B 84 -24.37 30.90 -4.20
CA ALA B 84 -25.01 31.97 -4.99
C ALA B 84 -24.09 33.17 -5.12
N GLY B 85 -22.79 32.89 -5.28
CA GLY B 85 -21.77 33.90 -5.59
C GLY B 85 -21.09 34.54 -4.41
N LYS B 86 -21.40 34.11 -3.18
CA LYS B 86 -20.67 34.68 -2.02
C LYS B 86 -19.64 33.63 -1.57
N PRO B 87 -18.37 34.02 -1.41
CA PRO B 87 -17.42 32.97 -1.01
C PRO B 87 -17.81 32.28 0.33
N VAL B 88 -17.66 30.96 0.42
CA VAL B 88 -18.00 30.23 1.65
C VAL B 88 -16.85 29.33 2.11
N ALA B 89 -16.85 29.01 3.41
CA ALA B 89 -15.75 28.24 3.98
C ALA B 89 -16.23 27.14 4.95
N ASP B 90 -17.54 26.91 5.01
CA ASP B 90 -18.05 25.91 5.94
C ASP B 90 -17.61 24.46 5.59
N ALA B 91 -17.18 23.72 6.64
CA ALA B 91 -16.60 22.38 6.37
C ALA B 91 -17.56 21.51 5.59
N ALA B 92 -18.83 21.55 5.92
CA ALA B 92 -19.75 20.61 5.26
C ALA B 92 -19.80 20.84 3.75
N SER B 93 -19.87 22.13 3.32
CA SER B 93 -19.97 22.34 1.89
C SER B 93 -18.63 22.11 1.23
N MET B 94 -17.50 22.46 1.89
CA MET B 94 -16.22 22.22 1.30
C MET B 94 -15.97 20.76 0.98
N GLN B 95 -16.29 19.88 1.90
CA GLN B 95 -16.10 18.45 1.59
C GLN B 95 -17.04 17.99 0.51
N ARG B 96 -18.28 18.48 0.54
CA ARG B 96 -19.26 18.03 -0.49
C ARG B 96 -18.84 18.39 -1.87
N TYR B 97 -18.42 19.65 -2.03
CA TYR B 97 -18.06 20.11 -3.37
C TYR B 97 -16.64 19.65 -3.85
N SER B 98 -15.77 19.22 -2.93
CA SER B 98 -14.52 18.50 -3.33
C SER B 98 -14.97 17.14 -3.94
N THR B 99 -15.83 16.42 -3.18
CA THR B 99 -16.33 15.13 -3.63
C THR B 99 -17.07 15.23 -4.94
N GLU B 100 -17.86 16.30 -5.13
CA GLU B 100 -18.65 16.30 -6.34
C GLU B 100 -17.71 16.39 -7.60
N MET B 101 -16.55 17.09 -7.49
CA MET B 101 -15.66 17.11 -8.64
C MET B 101 -14.96 15.74 -8.83
N MET B 102 -14.59 15.06 -7.72
CA MET B 102 -14.05 13.70 -7.85
C MET B 102 -15.10 12.79 -8.52
N ASN B 103 -16.37 12.99 -8.16
CA ASN B 103 -17.41 12.14 -8.68
C ASN B 103 -17.53 12.27 -10.21
N VAL B 104 -17.41 13.52 -10.70
CA VAL B 104 -17.41 13.71 -12.17
C VAL B 104 -16.27 12.95 -12.86
N ILE B 105 -15.11 13.04 -12.24
CA ILE B 105 -13.99 12.37 -12.85
C ILE B 105 -14.12 10.87 -12.78
N SER B 106 -14.53 10.36 -11.60
CA SER B 106 -14.67 8.92 -11.47
C SER B 106 -15.75 8.36 -12.40
N ALA B 107 -16.85 9.06 -12.54
CA ALA B 107 -17.87 8.60 -13.47
C ALA B 107 -17.31 8.57 -14.90
N GLY B 108 -16.56 9.63 -15.23
CA GLY B 108 -16.11 9.78 -16.60
C GLY B 108 -15.08 8.71 -16.94
N LEU B 109 -14.29 8.32 -15.94
CA LEU B 109 -13.32 7.25 -16.11
C LEU B 109 -13.92 5.84 -16.20
N ASP B 110 -15.19 5.73 -15.88
CA ASP B 110 -15.84 4.44 -16.00
C ASP B 110 -16.50 4.23 -17.36
N LYS B 111 -17.08 5.26 -17.98
CA LYS B 111 -17.45 5.08 -19.35
C LYS B 111 -16.66 6.01 -20.25
N SER B 112 -17.35 6.46 -21.31
CA SER B 112 -17.27 7.79 -22.01
C SER B 112 -17.26 7.72 -23.54
N GLY C 1 6.77 -19.20 8.21
CA GLY C 1 6.89 -18.90 6.68
C GLY C 1 7.87 -19.11 5.59
N ASP C 2 7.59 -18.84 4.32
CA ASP C 2 8.00 -19.64 3.12
C ASP C 2 8.41 -18.85 1.84
N THR C 3 7.83 -17.67 1.56
CA THR C 3 8.45 -16.79 0.58
C THR C 3 8.87 -15.47 1.17
N ALA C 4 10.06 -14.97 0.78
CA ALA C 4 10.51 -13.59 1.10
C ALA C 4 10.54 -12.84 -0.26
N SER C 5 10.23 -11.53 -0.30
CA SER C 5 10.37 -10.76 -1.50
C SER C 5 10.94 -9.41 -1.18
N LEU C 6 11.61 -8.83 -2.19
CA LEU C 6 12.24 -7.52 -1.96
C LEU C 6 12.17 -6.71 -3.21
N LEU C 7 11.69 -5.49 -3.10
CA LEU C 7 11.68 -4.55 -4.20
C LEU C 7 13.04 -3.93 -4.47
N VAL C 8 13.51 -4.02 -5.72
CA VAL C 8 14.76 -3.30 -6.06
C VAL C 8 14.47 -2.20 -7.07
N GLU C 9 14.77 -0.94 -6.71
CA GLU C 9 14.46 0.20 -7.56
C GLU C 9 15.60 0.55 -8.52
N ASN C 10 15.95 -0.36 -9.40
CA ASN C 10 16.94 -0.06 -10.43
C ASN C 10 16.27 0.35 -11.71
N GLY C 11 16.82 1.38 -12.35
CA GLY C 11 16.28 1.95 -13.60
C GLY C 11 17.33 2.13 -14.67
N ASN C 14 18.77 -2.03 -15.91
CA ASN C 14 17.65 -2.88 -15.57
C ASN C 14 18.14 -4.18 -14.96
N THR C 15 18.75 -5.04 -15.79
CA THR C 15 19.13 -6.44 -15.54
C THR C 15 19.52 -6.86 -14.11
N LEU C 16 18.50 -6.93 -13.29
CA LEU C 16 18.65 -7.39 -11.91
C LEU C 16 18.91 -8.90 -11.89
N TRP C 17 18.36 -9.62 -12.84
CA TRP C 17 18.47 -11.09 -12.79
C TRP C 17 19.95 -11.54 -12.93
N PRO C 18 20.64 -11.04 -13.97
CA PRO C 18 22.05 -11.47 -13.99
C PRO C 18 22.84 -11.05 -12.78
N GLN C 19 22.49 -9.93 -12.13
CA GLN C 19 23.15 -9.55 -10.91
C GLN C 19 22.87 -10.58 -9.82
N VAL C 20 21.61 -10.99 -9.67
CA VAL C 20 21.30 -11.99 -8.62
C VAL C 20 22.03 -13.28 -8.89
N VAL C 21 21.96 -13.71 -10.15
CA VAL C 21 22.76 -14.95 -10.49
C VAL C 21 24.29 -14.84 -10.15
N SER C 22 24.91 -13.67 -10.42
CA SER C 22 26.27 -13.47 -10.17
C SER C 22 26.54 -13.53 -8.65
N VAL C 23 25.61 -13.01 -7.84
CA VAL C 23 25.82 -13.07 -6.36
C VAL C 23 25.89 -14.55 -5.94
N LEU C 24 24.95 -15.35 -6.48
CA LEU C 24 24.92 -16.78 -6.13
C LEU C 24 26.14 -17.50 -6.63
N GLN C 25 26.60 -17.18 -7.85
CA GLN C 25 27.88 -17.77 -8.31
C GLN C 25 29.04 -17.41 -7.46
N ALA C 26 29.04 -16.15 -6.97
CA ALA C 26 30.18 -15.70 -6.17
C ALA C 26 30.27 -16.39 -4.76
N LYS C 27 29.10 -16.85 -4.29
CA LYS C 27 28.96 -17.59 -2.99
C LYS C 27 29.22 -19.06 -3.21
N ASN C 28 29.47 -19.43 -4.47
CA ASN C 28 29.67 -20.82 -4.88
C ASN C 28 28.50 -21.74 -4.50
N TYR C 29 27.25 -21.25 -4.66
CA TYR C 29 26.13 -22.13 -4.43
C TYR C 29 25.95 -22.97 -5.73
N THR C 30 25.58 -24.22 -5.60
CA THR C 30 25.30 -25.04 -6.76
C THR C 30 23.87 -24.75 -7.21
N ILE C 31 23.70 -24.45 -8.49
CA ILE C 31 22.42 -24.09 -9.06
C ILE C 31 22.01 -25.34 -9.86
N THR C 32 20.95 -25.99 -9.39
CA THR C 32 20.50 -27.28 -9.97
C THR C 32 19.55 -27.16 -11.13
N GLN C 33 18.77 -26.13 -11.11
CA GLN C 33 17.86 -25.75 -12.22
CA GLN C 33 17.92 -25.77 -12.24
C GLN C 33 17.97 -24.23 -12.44
N ARG C 34 18.05 -23.85 -13.70
CA ARG C 34 18.06 -22.45 -14.02
C ARG C 34 17.41 -22.19 -15.38
N ASP C 35 16.49 -21.19 -15.39
CA ASP C 35 15.79 -20.87 -16.60
C ASP C 35 15.82 -19.34 -16.70
N ASP C 36 16.81 -18.82 -17.43
CA ASP C 36 16.90 -17.38 -17.53
C ASP C 36 15.73 -16.70 -18.23
N ALA C 37 15.01 -17.42 -19.11
CA ALA C 37 13.93 -16.78 -19.82
C ALA C 37 12.84 -16.39 -18.83
N GLY C 38 12.66 -17.22 -17.82
CA GLY C 38 11.67 -16.98 -16.75
C GLY C 38 12.23 -16.36 -15.51
N GLN C 39 13.53 -16.05 -15.56
CA GLN C 39 14.36 -15.43 -14.47
C GLN C 39 14.06 -16.19 -13.19
N THR C 40 14.33 -17.51 -13.22
CA THR C 40 14.10 -18.31 -12.05
C THR C 40 15.15 -19.43 -12.00
N LEU C 41 15.44 -19.85 -10.78
CA LEU C 41 16.42 -20.94 -10.52
C LEU C 41 16.14 -21.65 -9.24
N THR C 42 16.72 -22.84 -9.12
CA THR C 42 16.59 -23.63 -7.88
C THR C 42 17.99 -23.93 -7.43
N THR C 43 18.23 -23.86 -6.11
CA THR C 43 19.58 -24.18 -5.57
C THR C 43 19.60 -25.61 -5.07
N ASP C 44 20.79 -26.16 -5.03
CA ASP C 44 21.04 -27.37 -4.23
C ASP C 44 20.97 -26.92 -2.74
N TRP C 45 21.24 -27.86 -1.82
CA TRP C 45 21.20 -27.53 -0.40
C TRP C 45 22.27 -26.46 -0.06
N VAL C 46 21.87 -25.45 0.72
CA VAL C 46 22.79 -24.43 1.21
C VAL C 46 22.82 -24.61 2.71
N GLN C 47 24.03 -24.74 3.27
CA GLN C 47 24.16 -24.92 4.68
C GLN C 47 24.27 -23.60 5.40
N TRP C 48 23.59 -23.51 6.53
CA TRP C 48 23.68 -22.34 7.41
C TRP C 48 24.58 -22.67 8.59
N ASN C 49 25.86 -22.31 8.43
CA ASN C 49 26.96 -22.64 9.37
C ASN C 49 26.73 -21.91 10.64
N ARG C 50 26.90 -22.64 11.73
CA ARG C 50 26.39 -22.21 13.03
C ARG C 50 27.15 -23.04 14.01
N LEU C 51 27.26 -22.51 15.24
CA LEU C 51 28.09 -23.10 16.27
C LEU C 51 27.65 -24.54 16.55
N ASP C 52 26.32 -24.72 16.61
CA ASP C 52 25.70 -25.95 17.10
C ASP C 52 25.31 -26.89 15.93
N GLU C 53 26.20 -27.83 15.58
CA GLU C 53 25.96 -28.74 14.41
C GLU C 53 24.68 -29.57 14.61
N ASP C 54 24.49 -30.07 15.84
CA ASP C 54 23.26 -30.78 16.25
C ASP C 54 21.99 -29.91 16.14
N GLU C 55 22.14 -28.75 15.51
CA GLU C 55 21.05 -27.82 15.19
C GLU C 55 21.46 -26.89 14.03
N GLN C 56 22.44 -27.32 13.23
CA GLN C 56 22.78 -26.70 11.93
C GLN C 56 21.63 -26.92 10.95
N TYR C 57 21.25 -25.88 10.19
CA TYR C 57 20.18 -26.00 9.23
C TYR C 57 20.75 -25.99 7.80
N ARG C 58 20.01 -26.62 6.91
CA ARG C 58 20.29 -26.52 5.47
C ARG C 58 18.98 -26.38 4.69
N GLY C 59 18.99 -25.58 3.62
CA GLY C 59 17.76 -25.34 2.85
C GLY C 59 17.95 -25.43 1.35
N ARG C 60 16.87 -25.64 0.61
CA ARG C 60 16.91 -25.48 -0.85
C ARG C 60 15.89 -24.43 -1.21
N TYR C 61 16.20 -23.64 -2.23
CA TYR C 61 15.43 -22.49 -2.59
C TYR C 61 15.09 -22.35 -4.03
N GLN C 62 13.97 -21.71 -4.32
CA GLN C 62 13.71 -21.22 -5.69
C GLN C 62 13.81 -19.70 -5.64
N ILE C 63 14.62 -19.14 -6.51
CA ILE C 63 14.98 -17.72 -6.46
C ILE C 63 14.58 -17.17 -7.79
N SER C 64 13.84 -16.06 -7.82
CA SER C 64 13.47 -15.42 -9.07
C SER C 64 13.44 -13.94 -9.01
N VAL C 65 13.36 -13.37 -10.18
CA VAL C 65 13.18 -11.92 -10.35
C VAL C 65 11.97 -11.69 -11.20
N LYS C 66 11.06 -10.79 -10.76
CA LYS C 66 9.89 -10.51 -11.65
C LYS C 66 9.64 -9.02 -11.71
N PRO C 67 9.16 -8.44 -12.84
CA PRO C 67 8.94 -6.98 -12.67
C PRO C 67 7.76 -6.75 -11.77
N GLN C 68 7.77 -5.70 -10.98
CA GLN C 68 6.49 -5.29 -10.42
C GLN C 68 6.51 -3.83 -10.73
N GLY C 69 5.84 -3.55 -11.86
CA GLY C 69 6.18 -2.44 -12.75
C GLY C 69 5.92 -1.38 -11.76
N TYR C 70 6.82 -0.41 -11.61
CA TYR C 70 7.86 0.00 -12.53
C TYR C 70 9.19 -0.67 -12.23
N GLN C 71 9.23 -1.29 -11.05
CA GLN C 71 10.43 -1.80 -10.46
C GLN C 71 10.47 -3.34 -10.60
N GLN C 72 11.49 -3.93 -9.98
CA GLN C 72 11.65 -5.39 -10.06
C GLN C 72 11.54 -5.93 -8.66
N ALA C 73 11.08 -7.16 -8.52
CA ALA C 73 11.14 -7.81 -7.21
C ALA C 73 11.97 -9.09 -7.22
N VAL C 74 12.84 -9.25 -6.24
CA VAL C 74 13.52 -10.53 -6.03
C VAL C 74 12.66 -11.36 -5.09
N THR C 75 12.45 -12.62 -5.42
CA THR C 75 11.69 -13.52 -4.57
C THR C 75 12.56 -14.73 -4.18
N VAL C 76 12.41 -15.23 -2.96
CA VAL C 76 13.10 -16.39 -2.43
C VAL C 76 12.06 -17.24 -1.84
N LYS C 77 11.93 -18.48 -2.33
CA LYS C 77 10.92 -19.41 -1.85
C LYS C 77 11.65 -20.60 -1.20
N LEU C 78 11.35 -20.90 0.05
CA LEU C 78 12.03 -22.01 0.77
C LEU C 78 11.28 -23.28 0.38
N LEU C 79 11.99 -24.11 -0.39
CA LEU C 79 11.42 -25.42 -0.85
C LEU C 79 11.49 -26.56 0.15
N ASN C 80 12.60 -26.63 0.88
CA ASN C 80 12.87 -27.72 1.85
C ASN C 80 13.82 -27.21 2.87
N LEU C 81 13.62 -27.67 4.11
CA LEU C 81 14.47 -27.26 5.22
C LEU C 81 14.88 -28.44 6.11
N GLU C 82 16.14 -28.55 6.49
CA GLU C 82 16.54 -29.64 7.42
C GLU C 82 17.32 -29.13 8.59
N GLN C 83 17.18 -29.76 9.74
CA GLN C 83 17.95 -29.41 10.92
C GLN C 83 18.80 -30.60 11.41
N ALA C 84 20.13 -30.39 11.39
CA ALA C 84 21.13 -31.48 11.63
C ALA C 84 20.76 -32.70 10.80
N GLY C 85 20.35 -32.41 9.57
CA GLY C 85 19.98 -33.38 8.54
C GLY C 85 18.63 -34.07 8.71
N LYS C 86 17.77 -33.57 9.60
CA LYS C 86 16.39 -34.15 9.66
C LYS C 86 15.42 -33.12 9.10
N PRO C 87 14.50 -33.51 8.16
CA PRO C 87 13.51 -32.47 7.69
C PRO C 87 12.77 -31.78 8.83
N VAL C 88 12.54 -30.45 8.69
CA VAL C 88 11.76 -29.69 9.69
C VAL C 88 10.78 -28.79 8.97
N ALA C 89 9.72 -28.39 9.66
CA ALA C 89 8.73 -27.54 9.01
C ALA C 89 8.10 -26.52 9.97
N ASP C 90 8.76 -26.28 11.10
CA ASP C 90 8.24 -25.27 12.08
C ASP C 90 8.21 -23.82 11.53
N ALA C 91 7.14 -23.03 11.83
CA ALA C 91 7.01 -21.74 11.13
C ALA C 91 8.17 -20.84 11.49
N ALA C 92 8.64 -20.94 12.73
CA ALA C 92 9.75 -20.02 13.10
C ALA C 92 10.95 -20.27 12.27
N SER C 93 11.38 -21.53 12.16
CA SER C 93 12.59 -21.81 11.37
C SER C 93 12.35 -21.53 9.89
N MET C 94 11.15 -21.78 9.38
CA MET C 94 10.94 -21.60 7.96
C MET C 94 11.07 -20.11 7.57
N GLN C 95 10.47 -19.22 8.39
CA GLN C 95 10.59 -17.84 8.06
C GLN C 95 12.03 -17.37 8.24
N ARG C 96 12.76 -17.87 9.25
CA ARG C 96 14.17 -17.40 9.43
C ARG C 96 15.03 -17.79 8.29
N TYR C 97 14.90 -19.06 7.84
CA TYR C 97 15.79 -19.55 6.78
C TYR C 97 15.38 -19.08 5.35
N SER C 98 14.13 -18.59 5.17
CA SER C 98 13.81 -17.89 3.94
C SER C 98 14.57 -16.54 3.98
N THR C 99 14.46 -15.82 5.13
CA THR C 99 15.09 -14.55 5.29
C THR C 99 16.61 -14.69 5.15
N GLU C 100 17.18 -15.80 5.64
CA GLU C 100 18.66 -15.82 5.61
C GLU C 100 19.16 -15.86 4.13
N MET C 101 18.44 -16.54 3.24
CA MET C 101 18.84 -16.49 1.86
C MET C 101 18.57 -15.16 1.20
N MET C 102 17.42 -14.53 1.52
CA MET C 102 17.28 -13.16 1.06
C MET C 102 18.41 -12.22 1.46
N ASN C 103 18.83 -12.39 2.71
CA ASN C 103 19.89 -11.56 3.27
C ASN C 103 21.20 -11.72 2.44
N VAL C 104 21.49 -12.98 2.01
CA VAL C 104 22.70 -13.23 1.18
C VAL C 104 22.58 -12.47 -0.15
N ILE C 105 21.38 -12.50 -0.74
CA ILE C 105 21.25 -11.89 -2.01
C ILE C 105 21.33 -10.35 -1.85
N SER C 106 20.63 -9.83 -0.81
CA SER C 106 20.64 -8.39 -0.62
C SER C 106 22.03 -7.82 -0.31
N ALA C 107 22.76 -8.51 0.55
CA ALA C 107 24.12 -8.07 0.88
C ALA C 107 24.98 -8.09 -0.43
N GLY C 108 24.82 -9.13 -1.27
CA GLY C 108 25.55 -9.27 -2.50
C GLY C 108 25.26 -8.19 -3.49
N LEU C 109 24.01 -7.73 -3.50
CA LEU C 109 23.58 -6.66 -4.41
C LEU C 109 24.01 -5.29 -3.96
N ASP C 110 24.49 -5.15 -2.76
CA ASP C 110 24.82 -3.81 -2.37
C ASP C 110 26.24 -3.58 -2.81
N LYS C 111 27.20 -4.41 -2.32
CA LYS C 111 28.53 -4.49 -2.93
C LYS C 111 28.52 -4.68 -4.46
N GLY D 1 15.84 -0.65 -4.00
CA GLY D 1 15.11 -0.56 -2.48
C GLY D 1 13.72 -0.72 -1.78
N ASP D 2 13.18 0.22 -1.03
CA ASP D 2 11.73 0.32 -0.80
C ASP D 2 10.84 -0.64 0.01
N THR D 3 10.28 -1.75 -0.48
CA THR D 3 9.52 -2.64 0.40
C THR D 3 10.20 -4.06 0.41
N ALA D 4 10.17 -4.68 1.56
CA ALA D 4 10.48 -6.10 1.73
C ALA D 4 9.26 -6.81 2.31
N SER D 5 9.00 -8.04 1.96
CA SER D 5 7.85 -8.77 2.56
C SER D 5 8.36 -10.20 2.91
N LEU D 6 7.71 -10.77 3.92
CA LEU D 6 8.03 -12.17 4.35
C LEU D 6 6.71 -12.85 4.72
N LEU D 7 6.44 -13.98 4.11
CA LEU D 7 5.30 -14.88 4.49
C LEU D 7 5.61 -15.63 5.79
N VAL D 8 4.71 -15.58 6.75
CA VAL D 8 4.91 -16.38 7.95
C VAL D 8 3.73 -17.37 8.01
N GLU D 9 4.04 -18.66 8.17
CA GLU D 9 3.00 -19.70 8.14
C GLU D 9 2.55 -20.08 9.54
N ASN D 10 2.10 -19.11 10.33
CA ASN D 10 1.49 -19.44 11.65
C ASN D 10 -0.03 -19.53 11.63
N GLY D 11 -0.64 -20.23 12.58
CA GLY D 11 -2.12 -20.19 12.79
C GLY D 11 -2.65 -21.51 13.34
N ASN D 14 -2.47 -17.36 15.83
CA ASN D 14 -2.50 -16.38 14.76
C ASN D 14 -1.58 -15.20 15.03
N THR D 15 -2.03 -14.33 15.94
CA THR D 15 -1.44 -13.02 16.31
C THR D 15 0.07 -12.73 16.09
N LEU D 16 0.36 -12.62 14.83
CA LEU D 16 1.69 -12.27 14.41
C LEU D 16 1.92 -10.82 14.71
N TRP D 17 0.89 -9.98 14.56
CA TRP D 17 1.13 -8.52 14.81
C TRP D 17 1.69 -8.22 16.21
N PRO D 18 1.06 -8.74 17.28
CA PRO D 18 1.65 -8.43 18.59
C PRO D 18 3.07 -8.96 18.75
N GLN D 19 3.36 -10.07 18.08
CA GLN D 19 4.74 -10.59 18.15
C GLN D 19 5.70 -9.59 17.46
N VAL D 20 5.35 -9.13 16.25
CA VAL D 20 6.19 -8.14 15.58
C VAL D 20 6.44 -6.89 16.47
N VAL D 21 5.35 -6.38 17.07
CA VAL D 21 5.47 -5.26 17.96
C VAL D 21 6.49 -5.56 19.10
N SER D 22 6.36 -6.73 19.70
CA SER D 22 7.19 -7.13 20.83
CA SER D 22 7.18 -7.09 20.85
C SER D 22 8.66 -7.20 20.43
N VAL D 23 8.94 -7.65 19.18
CA VAL D 23 10.36 -7.68 18.75
C VAL D 23 10.93 -6.27 18.67
N LEU D 24 10.15 -5.35 18.11
CA LEU D 24 10.66 -3.96 18.06
C LEU D 24 10.80 -3.35 19.42
N GLN D 25 9.93 -3.67 20.37
CA GLN D 25 10.01 -3.09 21.74
C GLN D 25 11.26 -3.65 22.38
N ALA D 26 11.58 -4.90 22.06
CA ALA D 26 12.75 -5.59 22.66
C ALA D 26 14.07 -4.94 22.18
N LYS D 27 14.06 -4.43 20.96
CA LYS D 27 15.22 -3.75 20.36
C LYS D 27 15.38 -2.31 20.85
N ASN D 28 14.41 -1.87 21.65
CA ASN D 28 14.21 -0.51 22.11
C ASN D 28 14.12 0.48 20.94
N TYR D 29 13.39 0.13 19.88
CA TYR D 29 13.21 1.08 18.83
C TYR D 29 12.07 1.98 19.25
N THR D 30 12.14 3.25 18.95
CA THR D 30 10.93 4.10 19.20
C THR D 30 9.93 3.98 18.12
N ILE D 31 8.66 3.73 18.53
CA ILE D 31 7.56 3.62 17.56
C ILE D 31 6.78 4.94 17.59
N THR D 32 6.94 5.74 16.56
CA THR D 32 6.34 7.08 16.49
C THR D 32 4.87 7.14 16.12
N GLN D 33 4.44 6.18 15.34
CA GLN D 33 3.01 6.08 14.98
C GLN D 33 2.67 4.61 15.08
N ARG D 34 1.48 4.32 15.59
CA ARG D 34 1.01 2.90 15.66
C ARG D 34 -0.50 2.81 15.61
N ASP D 35 -0.91 1.89 14.76
CA ASP D 35 -2.30 1.68 14.62
C ASP D 35 -2.55 0.17 14.62
N ASP D 36 -2.88 -0.39 15.77
CA ASP D 36 -3.10 -1.82 15.84
C ASP D 36 -4.29 -2.31 15.06
N ALA D 37 -5.33 -1.49 14.89
CA ALA D 37 -6.49 -1.99 14.16
C ALA D 37 -6.14 -2.23 12.71
N GLY D 38 -5.24 -1.41 12.19
CA GLY D 38 -4.73 -1.57 10.83
C GLY D 38 -3.41 -2.37 10.74
N GLN D 39 -2.98 -2.90 11.87
CA GLN D 39 -1.72 -3.64 11.96
C GLN D 39 -0.54 -2.94 11.27
N THR D 40 -0.32 -1.69 11.63
CA THR D 40 0.80 -0.97 11.03
C THR D 40 1.40 0.00 12.03
N LEU D 41 2.68 0.31 11.83
CA LEU D 41 3.37 1.26 12.76
C LEU D 41 4.44 1.94 11.94
N THR D 42 4.99 3.03 12.47
CA THR D 42 6.10 3.74 11.86
C THR D 42 7.16 3.87 12.95
N THR D 43 8.41 3.66 12.57
CA THR D 43 9.50 3.79 13.52
C THR D 43 10.15 5.15 13.50
N ASP D 44 10.84 5.49 14.60
CA ASP D 44 11.78 6.61 14.57
C ASP D 44 12.99 6.16 13.76
N TRP D 45 14.00 7.03 13.64
CA TRP D 45 15.19 6.64 12.92
C TRP D 45 15.80 5.44 13.67
N VAL D 46 16.26 4.46 12.88
CA VAL D 46 17.01 3.30 13.40
C VAL D 46 18.43 3.36 12.82
N GLN D 47 19.47 3.49 13.66
CA GLN D 47 20.84 3.62 13.15
C GLN D 47 21.43 2.22 12.96
N TRP D 48 22.05 1.97 11.82
CA TRP D 48 22.69 0.66 11.53
C TRP D 48 24.20 0.83 11.81
N ASN D 49 24.61 0.21 12.88
CA ASN D 49 26.02 0.39 13.36
C ASN D 49 27.01 -0.17 12.36
N ARG D 50 28.12 0.55 12.15
CA ARG D 50 29.19 0.16 11.19
C ARG D 50 30.46 0.62 11.83
N LEU D 51 31.59 0.06 11.39
CA LEU D 51 32.82 0.52 11.94
C LEU D 51 33.14 1.96 11.52
N ASP D 52 32.94 2.25 10.22
CA ASP D 52 33.14 3.63 9.68
C ASP D 52 31.96 4.54 9.93
N GLU D 53 32.02 5.42 10.93
CA GLU D 53 30.86 6.20 11.34
C GLU D 53 30.47 7.23 10.31
N ASP D 54 31.44 7.75 9.54
CA ASP D 54 31.07 8.66 8.42
C ASP D 54 30.32 8.00 7.26
N GLU D 55 30.14 6.69 7.32
CA GLU D 55 29.38 5.98 6.27
C GLU D 55 28.17 5.33 6.89
N GLN D 56 27.82 5.68 8.11
CA GLN D 56 26.73 4.96 8.81
C GLN D 56 25.37 5.39 8.35
N TYR D 57 24.53 4.40 8.16
CA TYR D 57 23.19 4.72 7.69
C TYR D 57 22.18 4.72 8.83
N ARG D 58 21.08 5.46 8.61
CA ARG D 58 19.87 5.33 9.49
C ARG D 58 18.64 5.37 8.64
N GLY D 59 17.61 4.64 9.04
CA GLY D 59 16.43 4.62 8.24
C GLY D 59 15.18 4.72 9.10
N ARG D 60 14.05 5.12 8.49
CA ARG D 60 12.77 5.15 9.20
C ARG D 60 11.84 4.28 8.35
N TYR D 61 11.03 3.50 9.04
CA TYR D 61 10.34 2.30 8.45
C TYR D 61 8.83 2.34 8.77
N GLN D 62 8.00 1.90 7.82
CA GLN D 62 6.61 1.61 8.08
C GLN D 62 6.57 0.06 8.08
N ILE D 63 6.08 -0.52 9.14
CA ILE D 63 6.08 -2.01 9.29
C ILE D 63 4.64 -2.46 9.50
N SER D 64 4.21 -3.53 8.83
CA SER D 64 2.84 -3.96 8.95
C SER D 64 2.66 -5.40 8.72
N VAL D 65 1.50 -5.92 9.13
CA VAL D 65 1.17 -7.33 8.89
C VAL D 65 -0.18 -7.39 8.23
N LYS D 66 -0.34 -8.21 7.16
CA LYS D 66 -1.66 -8.37 6.53
C LYS D 66 -1.81 -9.83 6.13
N PRO D 67 -3.05 -10.32 6.06
CA PRO D 67 -3.20 -11.68 5.62
C PRO D 67 -2.90 -11.79 4.12
N GLN D 68 -2.40 -12.94 3.69
CA GLN D 68 -2.08 -13.16 2.29
C GLN D 68 -2.49 -14.60 2.04
N GLY D 69 -3.57 -14.79 1.32
CA GLY D 69 -4.17 -16.11 1.24
C GLY D 69 -4.46 -16.58 2.67
N TYR D 70 -3.98 -17.77 3.01
CA TYR D 70 -4.18 -18.28 4.37
C TYR D 70 -3.01 -17.97 5.31
N GLN D 71 -2.01 -17.24 4.83
CA GLN D 71 -0.85 -17.01 5.68
C GLN D 71 -0.83 -15.55 6.03
N GLN D 72 0.22 -15.09 6.72
CA GLN D 72 0.36 -13.71 7.11
C GLN D 72 1.62 -13.18 6.47
N ALA D 73 1.57 -11.94 5.94
CA ALA D 73 2.76 -11.31 5.42
C ALA D 73 3.21 -10.14 6.29
N VAL D 74 4.48 -10.12 6.64
CA VAL D 74 5.10 -8.98 7.30
C VAL D 74 5.68 -8.14 6.21
N THR D 75 5.42 -6.83 6.21
CA THR D 75 5.97 -5.91 5.20
CA THR D 75 6.00 -5.93 5.22
C THR D 75 6.80 -4.86 5.91
N VAL D 76 7.97 -4.51 5.36
CA VAL D 76 8.82 -3.46 5.83
C VAL D 76 8.95 -2.49 4.67
N LYS D 77 8.54 -1.23 4.85
CA LYS D 77 8.75 -0.21 3.85
C LYS D 77 9.79 0.76 4.38
N LEU D 78 10.84 0.96 3.63
CA LEU D 78 11.86 1.95 4.00
C LEU D 78 11.35 3.31 3.52
N LEU D 79 10.99 4.20 4.48
CA LEU D 79 10.43 5.51 4.11
C LEU D 79 11.47 6.52 3.72
N ASN D 80 12.59 6.57 4.51
CA ASN D 80 13.67 7.54 4.32
C ASN D 80 14.91 6.91 4.81
N LEU D 81 16.00 7.23 4.15
CA LEU D 81 17.34 6.67 4.46
C LEU D 81 18.32 7.80 4.44
N GLU D 82 19.25 7.81 5.40
CA GLU D 82 20.29 8.83 5.43
C GLU D 82 21.61 8.19 5.71
N GLN D 83 22.68 8.80 5.16
CA GLN D 83 24.06 8.30 5.38
C GLN D 83 24.84 9.44 6.01
N ALA D 84 25.34 9.19 7.21
CA ALA D 84 26.00 10.18 8.04
C ALA D 84 25.18 11.47 8.00
N GLY D 85 23.87 11.29 8.13
CA GLY D 85 23.00 12.47 8.23
C GLY D 85 22.59 13.08 6.91
N LYS D 86 23.05 12.53 5.78
CA LYS D 86 22.71 13.07 4.45
C LYS D 86 21.64 12.15 3.78
N PRO D 87 20.51 12.70 3.29
CA PRO D 87 19.46 11.81 2.67
C PRO D 87 20.06 11.11 1.42
N VAL D 88 19.72 9.86 1.22
CA VAL D 88 20.28 9.11 0.07
C VAL D 88 19.18 8.28 -0.53
N ALA D 89 19.31 7.99 -1.81
CA ALA D 89 18.24 7.36 -2.54
C ALA D 89 18.74 6.31 -3.58
N ASP D 90 19.99 5.86 -3.44
CA ASP D 90 20.57 4.92 -4.41
C ASP D 90 19.92 3.54 -4.20
N ALA D 91 19.60 2.88 -5.34
CA ALA D 91 18.96 1.56 -5.28
C ALA D 91 19.62 0.55 -4.41
N ALA D 92 20.94 0.44 -4.53
CA ALA D 92 21.65 -0.59 -3.78
C ALA D 92 21.56 -0.41 -2.29
N SER D 93 21.73 0.81 -1.79
CA SER D 93 21.49 1.09 -0.37
C SER D 93 20.05 0.88 0.10
N MET D 94 19.13 1.39 -0.69
CA MET D 94 17.75 1.27 -0.26
C MET D 94 17.36 -0.21 -0.06
N GLN D 95 17.73 -1.06 -1.04
CA GLN D 95 17.32 -2.46 -0.84
C GLN D 95 18.00 -3.10 0.38
N ARG D 96 19.29 -2.78 0.66
CA ARG D 96 20.01 -3.44 1.71
C ARG D 96 19.38 -3.00 3.04
N TYR D 97 19.01 -1.70 3.18
CA TYR D 97 18.57 -1.25 4.51
C TYR D 97 17.05 -1.52 4.70
N SER D 98 16.36 -1.95 3.62
CA SER D 98 15.02 -2.52 3.77
C SER D 98 15.24 -3.93 4.40
N THR D 99 16.15 -4.71 3.75
CA THR D 99 16.51 -6.02 4.25
C THR D 99 17.04 -6.07 5.70
N GLU D 100 17.85 -5.06 6.09
CA GLU D 100 18.42 -5.04 7.44
C GLU D 100 17.25 -5.02 8.49
N MET D 101 16.18 -4.26 8.21
CA MET D 101 15.06 -4.23 9.18
C MET D 101 14.21 -5.55 9.14
N MET D 102 14.05 -6.11 7.93
CA MET D 102 13.38 -7.37 7.87
C MET D 102 14.13 -8.43 8.69
N ASN D 103 15.44 -8.38 8.57
CA ASN D 103 16.29 -9.36 9.24
C ASN D 103 16.15 -9.25 10.82
N VAL D 104 16.15 -8.01 11.29
CA VAL D 104 15.84 -7.79 12.74
C VAL D 104 14.50 -8.42 13.19
N ILE D 105 13.43 -8.21 12.39
CA ILE D 105 12.12 -8.73 12.71
C ILE D 105 12.18 -10.25 12.66
N SER D 106 12.73 -10.80 11.54
CA SER D 106 12.87 -12.22 11.41
C SER D 106 13.61 -12.92 12.57
N ALA D 107 14.73 -12.33 12.95
CA ALA D 107 15.53 -12.92 14.02
C ALA D 107 14.71 -12.91 15.35
N GLY D 108 14.01 -11.84 15.60
CA GLY D 108 13.13 -11.69 16.75
C GLY D 108 11.97 -12.65 16.80
N LEU D 109 11.42 -12.99 15.62
CA LEU D 109 10.32 -13.96 15.58
C LEU D 109 10.81 -15.39 15.65
N ASP D 110 12.12 -15.59 15.65
CA ASP D 110 12.61 -16.92 15.56
C ASP D 110 12.81 -17.39 16.95
N LYS D 111 13.77 -16.80 17.68
CA LYS D 111 13.93 -17.02 19.11
C LYS D 111 13.19 -16.01 19.99
N SER D 112 12.63 -16.48 21.11
CA SER D 112 12.08 -15.61 22.20
C SER D 112 10.93 -16.28 22.95
S SO4 E . -28.22 1.70 -15.85
O1 SO4 E . -28.48 2.14 -17.21
O2 SO4 E . -29.09 2.48 -14.93
O3 SO4 E . -28.50 0.27 -15.71
O4 SO4 E . -26.81 1.99 -15.59
S SO4 F . -23.41 8.54 -13.43
O1 SO4 F . -23.39 10.00 -13.17
O2 SO4 F . -23.62 7.79 -12.16
O3 SO4 F . -24.46 8.11 -14.39
O4 SO4 F . -22.11 8.12 -13.97
S SO4 G . -30.58 5.08 -5.31
O1 SO4 G . -30.99 5.64 -6.60
O2 SO4 G . -31.71 4.29 -4.80
O3 SO4 G . -29.34 4.28 -5.42
O4 SO4 G . -30.30 6.17 -4.39
S SO4 H . -22.03 37.60 5.56
O1 SO4 H . -22.73 38.13 4.41
O2 SO4 H . -23.03 37.00 6.44
O3 SO4 H . -21.04 36.62 5.11
O4 SO4 H . -21.35 38.70 6.25
S SO4 I . 25.27 -22.24 -13.09
O1 SO4 I . 23.98 -21.93 -13.76
O2 SO4 I . 25.03 -23.18 -12.00
O3 SO4 I . 26.10 -22.95 -14.06
O4 SO4 I . 26.00 -21.09 -12.45
S SO4 J . 28.59 2.39 1.55
O1 SO4 J . 27.69 2.83 0.48
O2 SO4 J . 27.91 1.40 2.38
O3 SO4 J . 29.77 1.80 0.92
O4 SO4 J . 29.02 3.51 2.39
#